data_2Q5W
#
_entry.id   2Q5W
#
_cell.length_a   133.922
_cell.length_b   45.754
_cell.length_c   41.772
_cell.angle_alpha   90.00
_cell.angle_beta   93.36
_cell.angle_gamma   90.00
#
_symmetry.space_group_name_H-M   'C 1 2 1'
#
loop_
_entity.id
_entity.type
_entity.pdbx_description
1 polymer 'Molybdopterin-converting factor subunit 2'
2 polymer 'Molybdopterin converting factor, subunit 1'
3 non-polymer GLYCEROL
4 water water
#
loop_
_entity_poly.entity_id
_entity_poly.type
_entity_poly.pdbx_seq_one_letter_code
_entity_poly.pdbx_strand_id
1 'polypeptide(L)'
;HMKQFEIVIEPIQTEQYREFTINEYQGAVVVFTGHVREWTKGVKTEYLEYEAYIPMAEKKLAQIGDEINEKWPGTITSIV
HRIGPLQISDIAVLIAVSSPHRKDAYRANEYAIERIKEIVPIWKKEIWEDGSKWQGHQKGNYEEAKREE
;
E
2 'polypeptide(L)' MKVLYFAEIKDILQKAQEDIVLEQALTVQQFEDLLFERYPQINNKKFQVAVNEEFVQKSDFIQPNDTVALIPPVSGG D
#
# COMPACT_ATOMS: atom_id res chain seq x y z
N HIS A 1 -11.00 -14.40 -7.72
CA HIS A 1 -12.00 -13.91 -6.69
C HIS A 1 -11.82 -12.39 -6.48
N MET A 2 -12.84 -11.60 -6.78
CA MET A 2 -12.72 -10.18 -6.64
C MET A 2 -13.29 -9.72 -5.30
N LYS A 3 -12.52 -8.84 -4.62
CA LYS A 3 -12.99 -8.08 -3.46
C LYS A 3 -13.11 -6.62 -3.85
N GLN A 4 -13.98 -5.91 -3.15
CA GLN A 4 -14.14 -4.42 -3.29
C GLN A 4 -12.81 -3.61 -3.19
N PHE A 5 -11.99 -4.00 -2.22
CA PHE A 5 -10.70 -3.40 -1.94
C PHE A 5 -9.68 -4.52 -1.92
N GLU A 6 -8.78 -4.54 -2.89
CA GLU A 6 -7.89 -5.64 -2.95
C GLU A 6 -6.52 -5.33 -3.53
N ILE A 7 -5.57 -6.21 -3.23
CA ILE A 7 -4.27 -6.22 -3.87
C ILE A 7 -4.20 -7.46 -4.78
N VAL A 8 -3.76 -7.25 -6.01
CA VAL A 8 -3.68 -8.36 -6.95
C VAL A 8 -2.25 -8.44 -7.48
N ILE A 9 -1.90 -9.57 -8.06
CA ILE A 9 -0.62 -9.73 -8.69
C ILE A 9 -0.74 -9.88 -10.23
N GLU A 10 -1.81 -10.54 -10.66
CA GLU A 10 -2.21 -10.63 -12.07
C GLU A 10 -2.55 -9.23 -12.63
N PRO A 11 -2.44 -9.03 -13.95
CA PRO A 11 -2.88 -7.78 -14.56
C PRO A 11 -4.33 -7.40 -14.16
N ILE A 12 -4.56 -6.13 -13.87
CA ILE A 12 -5.86 -5.66 -13.48
C ILE A 12 -6.86 -5.79 -14.62
N GLN A 13 -8.02 -6.39 -14.29
CA GLN A 13 -9.12 -6.58 -15.25
C GLN A 13 -10.09 -5.50 -14.90
N THR A 14 -10.25 -4.52 -15.77
CA THR A 14 -10.86 -3.28 -15.39
C THR A 14 -12.41 -3.26 -15.22
N GLU A 15 -13.09 -3.97 -16.11
CA GLU A 15 -14.54 -3.94 -16.20
C GLU A 15 -15.24 -4.33 -14.91
N GLN A 16 -14.70 -5.32 -14.19
CA GLN A 16 -15.31 -5.74 -12.90
C GLN A 16 -15.39 -4.70 -11.81
N TYR A 17 -14.48 -3.73 -11.78
CA TYR A 17 -14.54 -2.67 -10.76
C TYR A 17 -15.67 -1.65 -11.04
N ARG A 18 -15.82 -1.23 -12.32
CA ARG A 18 -16.97 -0.43 -12.72
C ARG A 18 -18.25 -1.19 -12.42
N GLU A 19 -18.33 -2.46 -12.80
CA GLU A 19 -19.52 -3.24 -12.60
C GLU A 19 -19.88 -3.35 -11.10
N PHE A 20 -18.90 -3.53 -10.26
CA PHE A 20 -19.14 -3.57 -8.81
C PHE A 20 -19.87 -2.30 -8.29
N THR A 21 -19.44 -1.13 -8.80
CA THR A 21 -19.95 0.15 -8.35
C THR A 21 -21.29 0.57 -8.97
N ILE A 22 -21.74 -0.08 -10.04
CA ILE A 22 -22.93 0.32 -10.72
C ILE A 22 -24.18 -0.22 -10.09
N ASN A 23 -25.22 0.62 -10.02
CA ASN A 23 -26.58 0.17 -9.74
C ASN A 23 -27.50 1.21 -10.33
N GLU A 24 -28.80 0.94 -10.32
CA GLU A 24 -29.79 1.79 -11.00
C GLU A 24 -29.90 3.24 -10.54
N TYR A 25 -29.29 3.60 -9.40
CA TYR A 25 -29.32 4.98 -8.94
C TYR A 25 -28.12 5.75 -9.42
N GLN A 26 -27.11 5.05 -9.95
CA GLN A 26 -25.84 5.71 -10.32
C GLN A 26 -25.85 6.09 -11.77
N GLY A 27 -25.60 7.38 -12.01
CA GLY A 27 -25.59 7.89 -13.36
C GLY A 27 -24.19 8.22 -13.83
N ALA A 28 -23.23 8.13 -12.94
CA ALA A 28 -21.88 8.45 -13.31
C ALA A 28 -20.92 7.44 -12.69
N VAL A 29 -19.96 6.96 -13.47
CA VAL A 29 -18.82 6.25 -12.90
C VAL A 29 -17.56 6.92 -13.39
N VAL A 30 -16.64 7.17 -12.47
CA VAL A 30 -15.31 7.63 -12.82
C VAL A 30 -14.30 6.56 -12.45
N VAL A 31 -13.56 6.11 -13.44
CA VAL A 31 -12.50 5.10 -13.23
C VAL A 31 -11.13 5.74 -13.57
N PHE A 32 -10.26 5.80 -12.56
CA PHE A 32 -8.90 6.27 -12.70
C PHE A 32 -7.99 5.05 -12.75
N THR A 33 -7.11 4.99 -13.73
CA THR A 33 -5.99 4.07 -13.74
C THR A 33 -4.64 4.81 -13.76
N GLY A 34 -3.75 4.34 -12.90
CA GLY A 34 -2.38 4.80 -12.79
C GLY A 34 -1.52 3.78 -13.51
N HIS A 35 -0.73 4.25 -14.48
CA HIS A 35 0.07 3.43 -15.33
C HIS A 35 1.57 3.73 -15.18
N VAL A 36 2.37 2.69 -15.39
CA VAL A 36 3.82 2.81 -15.35
C VAL A 36 4.29 3.63 -16.53
N ARG A 37 5.03 4.72 -16.25
CA ARG A 37 5.57 5.57 -17.30
C ARG A 37 7.02 5.28 -17.59
N GLU A 38 7.37 5.50 -18.84
CA GLU A 38 8.72 5.49 -19.30
C GLU A 38 9.20 6.93 -19.38
N TRP A 39 10.51 7.04 -19.30
CA TRP A 39 11.26 8.23 -19.55
C TRP A 39 11.11 9.29 -18.52
N THR A 40 10.82 8.90 -17.30
CA THR A 40 10.84 9.86 -16.23
C THR A 40 12.25 10.19 -15.77
N LYS A 41 13.24 9.36 -16.10
CA LYS A 41 14.58 9.65 -15.81
C LYS A 41 15.35 9.63 -17.16
N GLY A 42 16.62 10.00 -17.11
CA GLY A 42 17.52 9.91 -18.28
C GLY A 42 17.80 8.44 -18.68
N VAL A 43 17.93 7.59 -17.71
CA VAL A 43 18.15 6.19 -17.97
C VAL A 43 16.78 5.55 -18.09
N LYS A 44 16.59 4.77 -19.15
CA LYS A 44 15.31 4.10 -19.39
C LYS A 44 14.86 3.22 -18.21
N THR A 45 13.60 3.33 -17.83
CA THR A 45 12.97 2.42 -16.86
C THR A 45 12.67 1.10 -17.55
N GLU A 46 13.22 0.01 -17.02
CA GLU A 46 13.00 -1.32 -17.59
C GLU A 46 11.65 -1.80 -17.18
N TYR A 47 11.39 -1.74 -15.88
CA TYR A 47 10.10 -2.10 -15.31
C TYR A 47 10.10 -1.64 -13.84
N LEU A 48 8.97 -1.81 -13.14
CA LEU A 48 8.87 -1.52 -11.71
C LEU A 48 8.55 -2.82 -10.96
N GLU A 49 8.97 -2.91 -9.70
CA GLU A 49 8.54 -3.97 -8.80
C GLU A 49 7.76 -3.29 -7.68
N TYR A 50 6.51 -3.70 -7.49
CA TYR A 50 5.73 -3.26 -6.36
C TYR A 50 5.63 -4.35 -5.30
N GLU A 51 5.61 -3.90 -4.05
CA GLU A 51 5.38 -4.72 -2.89
C GLU A 51 4.26 -4.08 -2.07
N ALA A 52 3.60 -4.89 -1.25
CA ALA A 52 2.61 -4.38 -0.29
C ALA A 52 2.59 -5.27 0.94
N TYR A 53 2.27 -4.67 2.08
CA TYR A 53 1.88 -5.42 3.27
C TYR A 53 0.40 -5.63 3.06
N ILE A 54 0.08 -6.74 2.39
CA ILE A 54 -1.23 -6.88 1.76
C ILE A 54 -2.40 -6.74 2.71
N PRO A 55 -2.42 -7.48 3.84
CA PRO A 55 -3.64 -7.35 4.65
C PRO A 55 -3.84 -5.92 5.22
N MET A 56 -2.78 -5.23 5.60
CA MET A 56 -2.89 -3.84 6.03
C MET A 56 -3.25 -2.89 4.88
N ALA A 57 -2.66 -3.10 3.70
CA ALA A 57 -2.98 -2.34 2.51
C ALA A 57 -4.46 -2.44 2.14
N GLU A 58 -5.03 -3.65 2.19
CA GLU A 58 -6.44 -3.84 1.88
C GLU A 58 -7.30 -3.13 2.95
N LYS A 59 -6.88 -3.20 4.23
CA LYS A 59 -7.62 -2.51 5.31
C LYS A 59 -7.55 -0.97 5.11
N LYS A 60 -6.42 -0.44 4.63
CA LYS A 60 -6.28 1.01 4.42
C LYS A 60 -7.05 1.48 3.16
N LEU A 61 -7.15 0.63 2.14
CA LEU A 61 -8.00 0.95 0.98
C LEU A 61 -9.48 1.00 1.41
N ALA A 62 -9.93 0.06 2.25
CA ALA A 62 -11.27 0.11 2.78
C ALA A 62 -11.52 1.36 3.64
N GLN A 63 -10.51 1.75 4.43
CA GLN A 63 -10.59 2.98 5.20
C GLN A 63 -10.86 4.18 4.30
N ILE A 64 -10.19 4.23 3.17
CA ILE A 64 -10.40 5.29 2.22
C ILE A 64 -11.81 5.24 1.66
N GLY A 65 -12.29 4.04 1.40
CA GLY A 65 -13.68 3.85 1.01
C GLY A 65 -14.64 4.40 2.05
N ASP A 66 -14.35 4.13 3.30
CA ASP A 66 -15.18 4.65 4.36
C ASP A 66 -15.13 6.21 4.49
N GLU A 67 -13.94 6.76 4.29
CA GLU A 67 -13.76 8.22 4.27
C GLU A 67 -14.58 8.85 3.16
N ILE A 68 -14.56 8.21 2.00
CA ILE A 68 -15.31 8.68 0.85
C ILE A 68 -16.81 8.64 1.15
N ASN A 69 -17.28 7.57 1.75
CA ASN A 69 -18.68 7.44 2.12
C ASN A 69 -19.09 8.52 3.09
N GLU A 70 -18.19 8.91 3.98
CA GLU A 70 -18.51 9.94 4.95
C GLU A 70 -18.59 11.31 4.26
N LYS A 71 -17.68 11.58 3.33
CA LYS A 71 -17.64 12.89 2.66
C LYS A 71 -18.63 13.02 1.50
N TRP A 72 -18.83 11.95 0.72
CA TRP A 72 -19.70 11.98 -0.45
C TRP A 72 -20.68 10.84 -0.32
N PRO A 73 -21.66 10.97 0.60
CA PRO A 73 -22.62 9.86 0.69
C PRO A 73 -23.30 9.65 -0.68
N GLY A 74 -23.64 8.43 -0.96
CA GLY A 74 -24.24 8.16 -2.26
C GLY A 74 -23.23 7.57 -3.24
N THR A 75 -21.94 7.74 -2.96
CA THR A 75 -20.90 7.13 -3.80
C THR A 75 -20.72 5.66 -3.47
N ILE A 76 -20.19 4.89 -4.42
CA ILE A 76 -19.70 3.56 -4.14
C ILE A 76 -18.28 3.50 -4.72
N THR A 77 -17.36 2.90 -3.97
CA THR A 77 -15.95 2.90 -4.29
C THR A 77 -15.42 1.50 -4.35
N SER A 78 -14.59 1.23 -5.34
CA SER A 78 -13.80 0.03 -5.37
C SER A 78 -12.38 0.38 -5.82
N ILE A 79 -11.40 -0.23 -5.17
CA ILE A 79 -9.98 0.06 -5.41
C ILE A 79 -9.17 -1.23 -5.50
N VAL A 80 -8.30 -1.32 -6.50
CA VAL A 80 -7.29 -2.37 -6.56
C VAL A 80 -5.92 -1.76 -6.81
N HIS A 81 -4.89 -2.34 -6.19
CA HIS A 81 -3.52 -2.05 -6.53
C HIS A 81 -2.88 -3.36 -6.87
N ARG A 82 -2.07 -3.35 -7.92
CA ARG A 82 -1.29 -4.49 -8.31
C ARG A 82 0.12 -4.45 -7.70
N ILE A 83 0.66 -5.63 -7.44
CA ILE A 83 2.05 -5.77 -6.98
C ILE A 83 2.78 -6.78 -7.86
N GLY A 84 4.03 -7.06 -7.53
CA GLY A 84 4.93 -7.80 -8.39
C GLY A 84 5.52 -6.93 -9.48
N PRO A 85 6.14 -7.55 -10.48
CA PRO A 85 6.73 -6.74 -11.57
C PRO A 85 5.65 -6.15 -12.47
N LEU A 86 5.81 -4.88 -12.83
CA LEU A 86 4.87 -4.22 -13.70
C LEU A 86 5.69 -3.66 -14.86
N GLN A 87 5.18 -3.89 -16.05
CA GLN A 87 5.81 -3.37 -17.25
C GLN A 87 5.35 -1.95 -17.58
N ILE A 88 6.02 -1.31 -18.54
CA ILE A 88 5.63 0.02 -18.99
C ILE A 88 4.18 -0.04 -19.43
N SER A 89 3.40 0.94 -18.99
CA SER A 89 1.97 1.10 -19.32
C SER A 89 1.05 0.10 -18.65
N ASP A 90 1.58 -0.82 -17.84
CA ASP A 90 0.71 -1.67 -17.01
C ASP A 90 -0.04 -0.77 -16.02
N ILE A 91 -1.28 -1.16 -15.72
CA ILE A 91 -2.05 -0.51 -14.67
C ILE A 91 -1.48 -0.95 -13.30
N ALA A 92 -1.01 0.01 -12.52
CA ALA A 92 -0.58 -0.24 -11.14
C ALA A 92 -1.71 -0.13 -10.15
N VAL A 93 -2.64 0.79 -10.45
CA VAL A 93 -3.72 1.10 -9.53
C VAL A 93 -4.98 1.44 -10.32
N LEU A 94 -6.12 1.06 -9.79
CA LEU A 94 -7.40 1.44 -10.35
C LEU A 94 -8.35 1.80 -9.25
N ILE A 95 -9.05 2.93 -9.45
CA ILE A 95 -10.07 3.40 -8.54
C ILE A 95 -11.35 3.64 -9.31
N ALA A 96 -12.44 3.04 -8.87
CA ALA A 96 -13.73 3.22 -9.49
C ALA A 96 -14.65 3.83 -8.46
N VAL A 97 -15.28 4.96 -8.83
CA VAL A 97 -16.30 5.58 -8.01
C VAL A 97 -17.57 5.83 -8.86
N SER A 98 -18.69 5.35 -8.34
CA SER A 98 -20.02 5.63 -8.89
C SER A 98 -20.75 6.64 -8.04
N SER A 99 -21.70 7.34 -8.66
CA SER A 99 -22.49 8.37 -7.97
C SER A 99 -23.76 8.67 -8.78
N PRO A 100 -24.84 9.13 -8.12
CA PRO A 100 -25.95 9.55 -8.93
C PRO A 100 -25.56 10.63 -9.93
N HIS A 101 -24.74 11.57 -9.48
CA HIS A 101 -24.28 12.68 -10.34
C HIS A 101 -22.75 12.74 -10.47
N ARG A 102 -22.28 13.33 -11.55
CA ARG A 102 -20.88 13.19 -11.88
C ARG A 102 -19.90 13.89 -10.94
N LYS A 103 -20.28 15.05 -10.40
CA LYS A 103 -19.30 15.87 -9.71
C LYS A 103 -18.71 15.09 -8.53
N ASP A 104 -19.54 14.45 -7.72
CA ASP A 104 -19.04 13.68 -6.56
C ASP A 104 -18.16 12.52 -6.98
N ALA A 105 -18.47 11.90 -8.13
CA ALA A 105 -17.67 10.79 -8.64
C ALA A 105 -16.26 11.27 -9.00
N TYR A 106 -16.16 12.43 -9.62
CA TYR A 106 -14.84 12.97 -9.93
C TYR A 106 -14.05 13.33 -8.66
N ARG A 107 -14.73 14.02 -7.74
CA ARG A 107 -14.09 14.52 -6.51
C ARG A 107 -13.59 13.39 -5.62
N ALA A 108 -14.50 12.44 -5.37
CA ALA A 108 -14.18 11.27 -4.56
C ALA A 108 -13.05 10.44 -5.16
N ASN A 109 -13.04 10.33 -6.47
CA ASN A 109 -12.01 9.55 -7.13
C ASN A 109 -10.61 10.21 -6.93
N GLU A 110 -10.55 11.51 -7.13
CA GLU A 110 -9.31 12.25 -7.01
C GLU A 110 -8.86 12.26 -5.53
N TYR A 111 -9.82 12.31 -4.63
CA TYR A 111 -9.50 12.19 -3.22
C TYR A 111 -8.82 10.84 -2.92
N ALA A 112 -9.38 9.77 -3.48
CA ALA A 112 -8.89 8.42 -3.25
C ALA A 112 -7.43 8.25 -3.63
N ILE A 113 -7.07 8.74 -4.82
CA ILE A 113 -5.69 8.53 -5.29
C ILE A 113 -4.70 9.27 -4.36
N GLU A 114 -5.07 10.49 -3.93
CA GLU A 114 -4.28 11.28 -2.97
C GLU A 114 -4.06 10.49 -1.67
N ARG A 115 -5.13 9.92 -1.10
CA ARG A 115 -5.03 9.12 0.13
C ARG A 115 -4.21 7.86 -0.01
N ILE A 116 -4.32 7.16 -1.15
CA ILE A 116 -3.53 5.98 -1.39
C ILE A 116 -2.03 6.33 -1.28
N LYS A 117 -1.64 7.47 -1.85
CA LYS A 117 -0.24 7.86 -1.83
C LYS A 117 0.21 8.25 -0.43
N GLU A 118 -0.74 8.64 0.40
CA GLU A 118 -0.46 9.10 1.74
C GLU A 118 -0.30 7.94 2.72
N ILE A 119 -1.22 6.99 2.72
CA ILE A 119 -1.36 6.12 3.89
C ILE A 119 -1.22 4.61 3.64
N VAL A 120 -1.26 4.17 2.39
CA VAL A 120 -1.42 2.72 2.14
C VAL A 120 -0.05 2.08 2.04
N PRO A 121 0.22 1.03 2.83
CA PRO A 121 1.55 0.39 2.78
C PRO A 121 1.82 -0.42 1.51
N ILE A 122 2.27 0.30 0.48
CA ILE A 122 2.64 -0.23 -0.82
C ILE A 122 3.89 0.53 -1.20
N TRP A 123 4.84 -0.17 -1.82
CA TRP A 123 6.11 0.44 -2.19
C TRP A 123 6.48 0.10 -3.64
N LYS A 124 7.11 1.05 -4.34
CA LYS A 124 7.66 0.73 -5.65
C LYS A 124 9.15 0.83 -5.70
N LYS A 125 9.73 -0.13 -6.41
CA LYS A 125 11.13 -0.15 -6.78
C LYS A 125 11.22 0.07 -8.30
N GLU A 126 12.01 1.06 -8.72
CA GLU A 126 12.37 1.25 -10.13
C GLU A 126 13.59 0.45 -10.47
N ILE A 127 13.52 -0.23 -11.61
CA ILE A 127 14.64 -1.02 -12.12
C ILE A 127 15.10 -0.45 -13.46
N TRP A 128 16.39 -0.22 -13.59
CA TRP A 128 16.94 0.26 -14.82
C TRP A 128 18.16 -0.57 -15.12
N GLU A 129 18.78 -0.35 -16.28
CA GLU A 129 19.89 -1.17 -16.77
C GLU A 129 20.83 -1.81 -15.73
N ASP A 130 21.66 -1.06 -15.01
CA ASP A 130 22.50 -1.74 -13.99
C ASP A 130 22.18 -1.20 -12.61
N GLY A 131 20.90 -0.99 -12.33
CA GLY A 131 20.51 -0.44 -11.04
C GLY A 131 19.04 -0.57 -10.69
N SER A 132 18.71 -0.18 -9.46
CA SER A 132 17.36 -0.19 -8.99
C SER A 132 17.31 0.63 -7.72
N LYS A 133 16.17 1.23 -7.42
CA LYS A 133 16.01 2.03 -6.22
C LYS A 133 14.56 2.01 -5.74
N TRP A 134 14.36 1.71 -4.47
CA TRP A 134 13.07 1.86 -3.83
C TRP A 134 12.72 3.35 -3.78
N GLN A 135 11.51 3.68 -4.19
CA GLN A 135 11.04 5.06 -4.17
C GLN A 135 10.40 5.36 -2.81
N GLY A 136 10.48 6.61 -2.40
CA GLY A 136 9.87 7.06 -1.13
C GLY A 136 8.72 8.02 -1.31
N HIS A 137 8.42 8.73 -0.21
CA HIS A 137 7.43 9.83 -0.11
C HIS A 137 6.65 9.64 1.20
N MET B 1 6.51 -13.55 18.75
CA MET B 1 6.29 -12.30 17.96
C MET B 1 6.81 -12.51 16.54
N LYS B 2 5.97 -12.22 15.56
CA LYS B 2 6.40 -12.28 14.16
C LYS B 2 6.72 -10.90 13.65
N VAL B 3 7.88 -10.75 12.99
CA VAL B 3 8.35 -9.45 12.53
C VAL B 3 8.40 -9.57 11.02
N LEU B 4 7.78 -8.59 10.35
CA LEU B 4 7.69 -8.53 8.89
C LEU B 4 8.46 -7.33 8.37
N TYR B 5 9.21 -7.56 7.27
CA TYR B 5 10.05 -6.53 6.67
C TYR B 5 9.64 -6.36 5.21
N PHE B 6 9.72 -5.10 4.75
CA PHE B 6 9.26 -4.69 3.42
C PHE B 6 10.27 -3.76 2.80
N ALA B 7 10.31 -3.82 1.47
CA ALA B 7 10.97 -2.81 0.64
C ALA B 7 12.45 -2.74 0.95
N GLU B 8 13.02 -1.55 1.12
CA GLU B 8 14.46 -1.49 1.25
C GLU B 8 15.01 -2.24 2.50
N ILE B 9 14.26 -2.22 3.59
CA ILE B 9 14.67 -2.90 4.82
C ILE B 9 14.76 -4.42 4.60
N LYS B 10 13.73 -4.96 3.94
CA LYS B 10 13.72 -6.33 3.49
C LYS B 10 14.98 -6.65 2.65
N ASP B 11 15.31 -5.77 1.72
CA ASP B 11 16.46 -5.98 0.87
C ASP B 11 17.75 -6.01 1.69
N ILE B 12 17.87 -5.05 2.61
CA ILE B 12 19.06 -4.93 3.42
C ILE B 12 19.20 -6.14 4.35
N LEU B 13 18.13 -6.51 5.05
CA LEU B 13 18.20 -7.66 5.97
C LEU B 13 18.24 -9.01 5.24
N GLN B 14 17.93 -9.02 3.96
CA GLN B 14 17.84 -10.26 3.14
C GLN B 14 16.85 -11.24 3.78
N LYS B 15 15.76 -10.74 4.33
CA LYS B 15 14.76 -11.61 4.90
C LYS B 15 13.45 -10.84 4.97
N ALA B 16 12.36 -11.57 4.79
CA ALA B 16 11.03 -10.96 4.79
C ALA B 16 10.32 -11.11 6.14
N GLN B 17 10.72 -12.08 6.93
CA GLN B 17 10.14 -12.22 8.24
C GLN B 17 11.10 -12.88 9.19
N GLU B 18 10.80 -12.77 10.48
CA GLU B 18 11.44 -13.60 11.46
C GLU B 18 10.60 -13.70 12.72
N ASP B 19 10.87 -14.74 13.47
CA ASP B 19 10.24 -14.94 14.75
C ASP B 19 11.20 -14.58 15.86
N ILE B 20 10.71 -13.77 16.79
CA ILE B 20 11.42 -13.52 18.05
C ILE B 20 10.52 -13.99 19.17
N VAL B 21 10.94 -15.03 19.89
CA VAL B 21 10.15 -15.53 21.02
C VAL B 21 10.20 -14.47 22.13
N LEU B 22 9.02 -14.15 22.66
CA LEU B 22 8.84 -13.20 23.75
C LEU B 22 8.14 -13.89 24.89
N GLU B 23 8.61 -13.63 26.11
CA GLU B 23 8.04 -14.17 27.32
C GLU B 23 7.01 -13.21 27.89
N GLN B 24 7.18 -11.93 27.56
CA GLN B 24 6.34 -10.86 28.07
C GLN B 24 6.22 -9.74 27.02
N ALA B 25 5.22 -8.86 27.23
CA ALA B 25 5.03 -7.65 26.46
C ALA B 25 6.30 -6.80 26.40
N LEU B 26 6.42 -6.08 25.29
CA LEU B 26 7.59 -5.25 24.97
C LEU B 26 7.09 -3.87 24.49
N THR B 27 7.76 -2.79 24.84
CA THR B 27 7.37 -1.51 24.26
C THR B 27 7.86 -1.44 22.81
N VAL B 28 7.15 -0.68 21.99
CA VAL B 28 7.59 -0.39 20.65
C VAL B 28 9.00 0.23 20.63
N GLN B 29 9.27 1.19 21.54
CA GLN B 29 10.63 1.71 21.69
C GLN B 29 11.63 0.57 21.94
N GLN B 30 11.28 -0.37 22.82
CA GLN B 30 12.16 -1.48 23.17
C GLN B 30 12.40 -2.36 21.94
N PHE B 31 11.35 -2.54 21.15
CA PHE B 31 11.46 -3.33 19.94
C PHE B 31 12.46 -2.70 18.96
N GLU B 32 12.34 -1.38 18.77
CA GLU B 32 13.29 -0.66 17.93
C GLU B 32 14.70 -0.69 18.47
N ASP B 33 14.89 -0.53 19.77
CA ASP B 33 16.23 -0.66 20.38
C ASP B 33 16.86 -2.03 20.03
N LEU B 34 16.06 -3.09 20.16
CA LEU B 34 16.53 -4.45 19.89
C LEU B 34 16.88 -4.64 18.41
N LEU B 35 15.99 -4.17 17.58
CA LEU B 35 16.15 -4.22 16.12
C LEU B 35 17.45 -3.50 15.70
N PHE B 36 17.68 -2.29 16.22
CA PHE B 36 18.87 -1.53 15.83
C PHE B 36 20.15 -2.12 16.40
N GLU B 37 20.08 -2.72 17.60
CA GLU B 37 21.20 -3.51 18.14
C GLU B 37 21.57 -4.70 17.27
N ARG B 38 20.57 -5.43 16.81
CA ARG B 38 20.82 -6.59 15.96
C ARG B 38 21.29 -6.18 14.58
N TYR B 39 20.71 -5.11 14.07
CA TYR B 39 20.85 -4.79 12.66
C TYR B 39 21.27 -3.34 12.55
N PRO B 40 22.52 -3.02 12.95
CA PRO B 40 22.95 -1.62 12.88
C PRO B 40 22.86 -1.03 11.47
N GLN B 41 22.92 -1.89 10.46
CA GLN B 41 22.82 -1.50 9.05
C GLN B 41 21.47 -0.91 8.67
N ILE B 42 20.46 -1.04 9.50
CA ILE B 42 19.23 -0.27 9.25
C ILE B 42 19.00 0.88 10.21
N ASN B 43 19.97 1.20 11.06
CA ASN B 43 19.70 2.11 12.17
C ASN B 43 19.45 3.57 11.74
N ASN B 44 19.75 3.91 10.49
CA ASN B 44 19.38 5.22 9.95
C ASN B 44 18.19 5.20 8.98
N LYS B 45 17.46 4.08 8.92
CA LYS B 45 16.36 3.96 7.96
C LYS B 45 15.07 4.48 8.61
N LYS B 46 14.24 5.14 7.81
CA LYS B 46 13.01 5.70 8.32
C LYS B 46 11.91 4.67 8.16
N PHE B 47 11.06 4.54 9.17
CA PHE B 47 9.93 3.66 9.05
C PHE B 47 8.91 3.93 10.15
N GLN B 48 7.65 3.58 9.90
CA GLN B 48 6.64 3.46 10.94
C GLN B 48 6.59 1.97 11.35
N VAL B 49 5.94 1.70 12.48
CA VAL B 49 5.74 0.35 12.95
C VAL B 49 4.23 0.12 12.98
N ALA B 50 3.81 -1.04 12.49
CA ALA B 50 2.44 -1.50 12.61
C ALA B 50 2.46 -2.75 13.49
N VAL B 51 1.44 -2.84 14.33
CA VAL B 51 1.24 -4.02 15.16
C VAL B 51 -0.15 -4.54 14.86
N ASN B 52 -0.23 -5.79 14.49
CA ASN B 52 -1.50 -6.37 14.06
C ASN B 52 -2.23 -5.48 13.06
N GLU B 53 -1.48 -4.96 12.09
CA GLU B 53 -1.99 -4.26 10.93
C GLU B 53 -2.57 -2.92 11.29
N GLU B 54 -2.12 -2.33 12.40
CA GLU B 54 -2.49 -0.95 12.74
C GLU B 54 -1.25 -0.17 13.07
N PHE B 55 -1.13 1.05 12.57
CA PHE B 55 0.00 1.89 12.93
C PHE B 55 0.02 2.12 14.44
N VAL B 56 1.22 2.07 15.03
CA VAL B 56 1.40 2.30 16.46
C VAL B 56 2.46 3.38 16.68
N GLN B 57 2.57 3.83 17.93
CA GLN B 57 3.62 4.75 18.34
C GLN B 57 4.64 4.08 19.24
N LYS B 58 5.73 4.78 19.50
CA LYS B 58 6.84 4.21 20.26
C LYS B 58 6.47 3.83 21.72
N SER B 59 5.46 4.49 22.26
CA SER B 59 4.97 4.25 23.61
C SER B 59 3.95 3.12 23.72
N ASP B 60 3.54 2.52 22.61
CA ASP B 60 2.61 1.42 22.63
C ASP B 60 3.34 0.13 23.04
N PHE B 61 2.53 -0.90 23.32
CA PHE B 61 3.03 -2.19 23.76
C PHE B 61 2.84 -3.23 22.70
N ILE B 62 3.79 -4.14 22.61
CA ILE B 62 3.66 -5.30 21.73
C ILE B 62 3.46 -6.54 22.61
N GLN B 63 2.42 -7.35 22.36
CA GLN B 63 2.22 -8.58 23.08
C GLN B 63 3.00 -9.72 22.44
N PRO B 64 3.44 -10.69 23.24
CA PRO B 64 4.29 -11.77 22.77
C PRO B 64 3.90 -12.42 21.43
N ASN B 65 2.61 -12.52 21.17
CA ASN B 65 2.16 -13.20 19.95
C ASN B 65 1.70 -12.27 18.85
N ASP B 66 2.00 -10.99 19.00
CA ASP B 66 1.67 -10.02 17.94
C ASP B 66 2.50 -10.17 16.65
N THR B 67 1.93 -9.68 15.55
CA THR B 67 2.66 -9.47 14.32
C THR B 67 3.09 -8.01 14.21
N VAL B 68 4.39 -7.76 14.02
CA VAL B 68 4.93 -6.40 13.97
C VAL B 68 5.52 -6.22 12.61
N ALA B 69 5.20 -5.12 11.94
CA ALA B 69 5.73 -4.85 10.57
C ALA B 69 6.43 -3.49 10.51
N LEU B 70 7.58 -3.44 9.84
CA LEU B 70 8.28 -2.19 9.59
C LEU B 70 7.80 -1.65 8.22
N ILE B 71 7.27 -0.43 8.23
CA ILE B 71 6.63 0.22 7.09
C ILE B 71 7.47 1.43 6.70
N PRO B 72 8.34 1.26 5.70
CA PRO B 72 9.08 2.42 5.21
C PRO B 72 8.17 3.42 4.51
N PRO B 73 8.72 4.58 4.15
CA PRO B 73 7.88 5.62 3.54
C PRO B 73 7.19 5.06 2.29
N VAL B 74 5.89 5.22 2.22
CA VAL B 74 5.11 4.51 1.21
C VAL B 74 5.20 5.21 -0.14
N SER B 75 5.04 4.45 -1.22
CA SER B 75 5.24 4.96 -2.59
C SER B 75 4.30 4.23 -3.57
N GLY B 76 3.11 3.88 -3.09
CA GLY B 76 2.07 3.36 -3.96
C GLY B 76 1.36 4.43 -4.76
N GLY B 77 0.52 4.00 -5.70
CA GLY B 77 -0.39 4.88 -6.37
C GLY B 77 0.14 5.40 -7.68
#